data_4ZYO
#
_entry.id   4ZYO
#
_cell.length_a   134.108
_cell.length_b   134.108
_cell.length_c   112.561
_cell.angle_alpha   90.00
_cell.angle_beta   90.00
_cell.angle_gamma   120.00
#
_symmetry.space_group_name_H-M   'P 31 2 1'
#
loop_
_entity.id
_entity.type
_entity.pdbx_description
1 polymer 'Acyl-CoA desaturase'
2 non-polymer 'ZINC ION'
3 non-polymer 'STEAROYL-COENZYME A'
4 non-polymer DODECYL-BETA-D-MALTOSIDE
5 water water
#
_entity_poly.entity_id   1
_entity_poly.type   'polypeptide(L)'
_entity_poly.pdbx_seq_one_letter_code
;GGSDIRPDIKDDIYDPTYADAAGPSPKVEYVWRNIILMSLLHLGALYGITLIPTCKFYTWLWGVFYYFVSALGITAGAHR
LWSHRSYKARLPLRLFLIIANTMAFQNDVYEWARDHRAHHKFSETHADPHNSRRGFFFSHVGWLLVRKHPAVKEKGSTLD
LSDLEAEKLVMFQRRYYKPGLLMMCFILPTLVPWYFWGETFQNSVFVATFLRYAVVLNATWLVNSAAHLFGYRPYDKNIS
PRENILVSLGAVGEGFHNYHHSFPYDYSASEYRWHINFTTFFIDCMAALGLAYDRKKVSKAAILARIKRTGDGNYKSG
;
_entity_poly.pdbx_strand_id   A
#
loop_
_chem_comp.id
_chem_comp.type
_chem_comp.name
_chem_comp.formula
LMT D-saccharide DODECYL-BETA-D-MALTOSIDE 'C24 H46 O11'
ST9 non-polymer 'STEAROYL-COENZYME A' 'C39 H70 N7 O17 P3 S'
ZN non-polymer 'ZINC ION' 'Zn 2'
#
# COMPACT_ATOMS: atom_id res chain seq x y z
N ASP A 12 22.89 -4.71 12.80
CA ASP A 12 22.88 -5.25 14.17
C ASP A 12 22.90 -6.77 14.18
N ILE A 13 22.22 -7.34 15.16
CA ILE A 13 22.28 -8.77 15.40
C ILE A 13 20.93 -9.43 15.15
N TYR A 14 20.92 -10.76 15.27
CA TYR A 14 19.68 -11.51 15.26
C TYR A 14 19.88 -12.80 16.02
N ASP A 15 18.78 -13.39 16.48
CA ASP A 15 18.82 -14.66 17.18
C ASP A 15 18.48 -15.79 16.23
N PRO A 16 19.47 -16.65 15.93
CA PRO A 16 19.35 -17.78 14.99
C PRO A 16 18.22 -18.74 15.29
N THR A 17 17.55 -18.61 16.44
CA THR A 17 16.38 -19.42 16.71
C THR A 17 15.18 -18.87 15.92
N TYR A 18 15.31 -17.64 15.45
CA TYR A 18 14.26 -17.00 14.65
C TYR A 18 14.69 -16.90 13.19
N ALA A 19 15.61 -17.77 12.79
CA ALA A 19 16.13 -17.80 11.43
C ALA A 19 16.25 -19.24 10.94
N ASP A 20 16.75 -20.11 11.82
CA ASP A 20 16.87 -21.52 11.50
C ASP A 20 15.50 -22.18 11.46
N ALA A 21 15.31 -23.09 10.51
CA ALA A 21 14.06 -23.82 10.37
C ALA A 21 14.26 -25.12 9.61
N ALA A 22 13.69 -26.20 10.13
CA ALA A 22 13.70 -27.49 9.44
C ALA A 22 12.79 -27.43 8.22
N GLY A 23 11.61 -26.85 8.41
CA GLY A 23 10.67 -26.66 7.33
C GLY A 23 10.90 -25.36 6.59
N PRO A 24 9.82 -24.74 6.10
CA PRO A 24 9.87 -23.49 5.33
C PRO A 24 9.46 -22.26 6.12
N SER A 25 9.25 -22.41 7.44
CA SER A 25 8.87 -21.28 8.28
C SER A 25 9.48 -21.39 9.67
N PRO A 26 10.36 -20.43 10.02
CA PRO A 26 10.95 -20.36 11.36
C PRO A 26 9.98 -19.83 12.40
N LYS A 27 10.42 -19.78 13.66
CA LYS A 27 9.60 -19.21 14.72
C LYS A 27 9.64 -17.69 14.65
N VAL A 28 8.67 -17.04 15.28
CA VAL A 28 8.59 -15.58 15.25
C VAL A 28 8.28 -15.00 16.64
N GLU A 29 8.51 -13.70 16.80
CA GLU A 29 8.13 -13.03 18.04
C GLU A 29 6.86 -12.24 17.83
N TYR A 30 5.78 -12.63 18.51
CA TYR A 30 4.52 -11.93 18.39
C TYR A 30 4.62 -10.53 19.00
N VAL A 31 4.28 -9.53 18.20
CA VAL A 31 4.20 -8.16 18.69
C VAL A 31 2.77 -7.91 19.17
N TRP A 32 2.59 -7.96 20.49
CA TRP A 32 1.26 -7.95 21.07
C TRP A 32 0.62 -6.57 21.11
N ARG A 33 1.44 -5.53 20.98
CA ARG A 33 0.92 -4.16 20.87
C ARG A 33 0.13 -4.05 19.57
N ASN A 34 0.68 -4.67 18.52
CA ASN A 34 0.07 -4.63 17.20
C ASN A 34 -1.13 -5.56 17.10
N ILE A 35 -1.05 -6.74 17.71
CA ILE A 35 -2.14 -7.70 17.68
C ILE A 35 -3.41 -7.13 18.32
N ILE A 36 -3.26 -6.48 19.46
CA ILE A 36 -4.39 -5.89 20.16
C ILE A 36 -4.96 -4.71 19.37
N LEU A 37 -4.08 -3.82 18.93
CA LEU A 37 -4.51 -2.64 18.18
C LEU A 37 -5.18 -3.01 16.84
N MET A 38 -4.58 -3.94 16.11
CA MET A 38 -5.19 -4.40 14.86
C MET A 38 -6.54 -5.06 15.10
N SER A 39 -6.61 -5.89 16.14
CA SER A 39 -7.87 -6.53 16.52
C SER A 39 -8.92 -5.49 16.88
N LEU A 40 -8.50 -4.46 17.61
CA LEU A 40 -9.41 -3.42 18.07
C LEU A 40 -9.87 -2.52 16.94
N LEU A 41 -9.02 -2.34 15.93
CA LEU A 41 -9.39 -1.54 14.76
C LEU A 41 -10.45 -2.25 13.94
N HIS A 42 -10.31 -3.57 13.82
CA HIS A 42 -11.21 -4.36 12.99
C HIS A 42 -12.54 -4.65 13.69
N LEU A 43 -12.49 -4.92 14.98
CA LEU A 43 -13.72 -5.09 15.76
C LEU A 43 -14.54 -3.82 15.68
N GLY A 44 -13.87 -2.68 15.80
CA GLY A 44 -14.51 -1.37 15.74
C GLY A 44 -14.93 -1.01 14.34
N ALA A 45 -14.37 -1.72 13.36
CA ALA A 45 -14.76 -1.54 11.97
C ALA A 45 -16.01 -2.36 11.65
N LEU A 46 -16.07 -3.58 12.18
CA LEU A 46 -17.25 -4.41 12.03
C LEU A 46 -18.46 -3.70 12.62
N TYR A 47 -18.25 -3.04 13.75
CA TYR A 47 -19.29 -2.24 14.39
C TYR A 47 -19.66 -1.04 13.53
N GLY A 48 -18.67 -0.52 12.80
CA GLY A 48 -18.90 0.61 11.91
C GLY A 48 -19.72 0.23 10.70
N ILE A 49 -19.61 -1.03 10.29
CA ILE A 49 -20.44 -1.54 9.20
C ILE A 49 -21.90 -1.48 9.59
N THR A 50 -22.19 -1.89 10.83
CA THR A 50 -23.56 -1.91 11.33
C THR A 50 -24.14 -0.51 11.48
N LEU A 51 -23.29 0.49 11.53
CA LEU A 51 -23.74 1.86 11.68
C LEU A 51 -23.86 2.57 10.34
N ILE A 52 -23.69 1.83 9.24
CA ILE A 52 -23.80 2.41 7.90
C ILE A 52 -25.19 2.97 7.59
N PRO A 53 -26.27 2.17 7.79
CA PRO A 53 -27.59 2.74 7.46
C PRO A 53 -27.99 3.93 8.34
N THR A 54 -27.31 4.09 9.47
CA THR A 54 -27.61 5.18 10.41
C THR A 54 -27.03 6.51 9.91
N CYS A 55 -25.87 6.41 9.25
CA CYS A 55 -25.08 7.57 8.87
C CYS A 55 -25.81 8.54 7.95
N LYS A 56 -25.38 9.80 8.00
CA LYS A 56 -25.88 10.80 7.08
C LYS A 56 -25.34 10.56 5.68
N PHE A 57 -25.91 11.24 4.69
CA PHE A 57 -25.47 11.06 3.32
C PHE A 57 -24.07 11.63 3.11
N TYR A 58 -23.80 12.79 3.72
CA TYR A 58 -22.53 13.48 3.53
C TYR A 58 -21.35 12.70 4.05
N THR A 59 -21.56 11.99 5.15
CA THR A 59 -20.48 11.25 5.77
C THR A 59 -20.15 10.02 4.92
N TRP A 60 -21.09 9.61 4.07
CA TRP A 60 -20.84 8.57 3.10
C TRP A 60 -19.91 9.09 2.00
N LEU A 61 -20.25 10.27 1.49
CA LEU A 61 -19.41 10.94 0.51
C LEU A 61 -18.05 11.23 1.11
N TRP A 62 -18.02 11.67 2.36
CA TRP A 62 -16.77 11.95 3.05
C TRP A 62 -15.93 10.68 3.16
N GLY A 63 -16.57 9.60 3.57
CA GLY A 63 -15.90 8.31 3.72
C GLY A 63 -15.29 7.82 2.43
N VAL A 64 -16.09 7.76 1.36
CA VAL A 64 -15.62 7.31 0.06
C VAL A 64 -14.52 8.22 -0.48
N PHE A 65 -14.75 9.53 -0.39
CA PHE A 65 -13.75 10.50 -0.85
C PHE A 65 -12.42 10.33 -0.13
N TYR A 66 -12.48 10.20 1.20
CA TYR A 66 -11.28 10.04 2.01
C TYR A 66 -10.56 8.73 1.68
N TYR A 67 -11.32 7.74 1.23
CA TYR A 67 -10.75 6.47 0.81
C TYR A 67 -9.90 6.62 -0.44
N PHE A 68 -10.41 7.35 -1.42
CA PHE A 68 -9.73 7.51 -2.70
C PHE A 68 -8.43 8.30 -2.58
N VAL A 69 -8.47 9.44 -1.91
CA VAL A 69 -7.28 10.26 -1.73
C VAL A 69 -6.21 9.50 -0.96
N SER A 70 -6.63 8.75 0.05
CA SER A 70 -5.72 7.90 0.81
C SER A 70 -5.06 6.89 -0.11
N ALA A 71 -5.84 6.32 -1.03
CA ALA A 71 -5.35 5.33 -1.97
C ALA A 71 -4.28 5.94 -2.88
N LEU A 72 -4.59 7.11 -3.45
CA LEU A 72 -3.66 7.82 -4.32
C LEU A 72 -2.33 8.13 -3.64
N GLY A 73 -2.40 8.35 -2.33
CA GLY A 73 -1.21 8.63 -1.55
C GLY A 73 -0.31 7.41 -1.46
N ILE A 74 -0.91 6.23 -1.58
CA ILE A 74 -0.14 5.00 -1.58
C ILE A 74 0.17 4.55 -3.00
N THR A 75 -0.87 4.50 -3.82
CA THR A 75 -0.78 4.01 -5.18
C THR A 75 0.10 4.89 -6.06
N ALA A 76 -0.40 6.08 -6.38
CA ALA A 76 0.37 7.01 -7.20
C ALA A 76 1.60 7.50 -6.46
N GLY A 77 1.44 7.76 -5.17
CA GLY A 77 2.51 8.31 -4.36
C GLY A 77 3.53 7.31 -3.89
N ALA A 78 3.23 6.62 -2.80
CA ALA A 78 4.19 5.75 -2.12
C ALA A 78 4.74 4.65 -3.01
N HIS A 79 3.94 4.22 -3.97
CA HIS A 79 4.30 3.06 -4.77
C HIS A 79 4.95 3.40 -6.11
N ARG A 80 4.24 4.15 -6.95
CA ARG A 80 4.75 4.42 -8.29
C ARG A 80 5.82 5.50 -8.26
N LEU A 81 5.46 6.64 -7.67
CA LEU A 81 6.34 7.80 -7.64
C LEU A 81 7.63 7.56 -6.86
N TRP A 82 7.49 7.07 -5.63
CA TRP A 82 8.64 6.99 -4.74
C TRP A 82 9.28 5.61 -4.64
N SER A 83 8.47 4.56 -4.55
CA SER A 83 9.03 3.21 -4.44
C SER A 83 9.73 2.81 -5.73
N HIS A 84 9.15 3.18 -6.87
CA HIS A 84 9.65 2.70 -8.16
C HIS A 84 10.26 3.78 -9.03
N ARG A 85 9.98 5.04 -8.70
CA ARG A 85 10.46 6.17 -9.51
C ARG A 85 10.02 6.02 -10.97
N SER A 86 8.80 5.52 -11.16
CA SER A 86 8.28 5.30 -12.51
C SER A 86 8.10 6.63 -13.23
N TYR A 87 7.41 7.56 -12.59
CA TYR A 87 7.27 8.88 -13.19
C TYR A 87 7.86 9.95 -12.29
N LYS A 88 7.72 11.20 -12.69
CA LYS A 88 8.20 12.32 -11.91
C LYS A 88 7.06 13.28 -11.66
N ALA A 89 7.01 13.86 -10.47
CA ALA A 89 5.91 14.73 -10.09
C ALA A 89 6.39 16.13 -9.72
N ARG A 90 5.69 17.14 -10.23
CA ARG A 90 5.99 18.53 -9.90
C ARG A 90 5.60 18.80 -8.45
N LEU A 91 6.07 19.92 -7.91
CA LEU A 91 5.91 20.23 -6.48
C LEU A 91 4.47 20.21 -5.94
N PRO A 92 3.49 20.78 -6.66
CA PRO A 92 2.13 20.72 -6.10
C PRO A 92 1.61 19.31 -5.89
N LEU A 93 1.78 18.45 -6.89
CA LEU A 93 1.35 17.06 -6.80
C LEU A 93 2.10 16.32 -5.70
N ARG A 94 3.39 16.64 -5.56
CA ARG A 94 4.21 16.09 -4.49
C ARG A 94 3.56 16.32 -3.13
N LEU A 95 3.12 17.56 -2.89
CA LEU A 95 2.45 17.92 -1.65
C LEU A 95 1.15 17.16 -1.46
N PHE A 96 0.40 17.00 -2.54
CA PHE A 96 -0.86 16.27 -2.48
C PHE A 96 -0.64 14.82 -2.06
N LEU A 97 0.34 14.18 -2.69
CA LEU A 97 0.60 12.76 -2.45
C LEU A 97 1.17 12.48 -1.06
N ILE A 98 2.04 13.37 -0.59
CA ILE A 98 2.67 13.19 0.72
C ILE A 98 1.68 13.42 1.86
N ILE A 99 0.69 14.28 1.61
CA ILE A 99 -0.39 14.49 2.57
C ILE A 99 -1.34 13.30 2.51
N ALA A 100 -1.61 12.83 1.30
CA ALA A 100 -2.49 11.70 1.10
C ALA A 100 -1.89 10.43 1.71
N ASN A 101 -0.57 10.31 1.63
CA ASN A 101 0.11 9.15 2.21
C ASN A 101 0.00 9.14 3.73
N THR A 102 -0.12 10.33 4.32
CA THR A 102 -0.29 10.43 5.76
C THR A 102 -1.73 10.08 6.13
N MET A 103 -2.66 10.39 5.22
CA MET A 103 -4.07 10.05 5.43
C MET A 103 -4.27 8.55 5.47
N ALA A 104 -3.35 7.83 4.84
CA ALA A 104 -3.51 6.39 4.62
C ALA A 104 -2.88 5.56 5.72
N PHE A 105 -2.08 6.22 6.56
CA PHE A 105 -1.36 5.60 7.68
C PHE A 105 -0.91 4.15 7.42
N GLN A 106 -0.14 3.99 6.37
CA GLN A 106 0.76 2.86 6.28
C GLN A 106 2.09 3.48 6.66
N ASN A 107 3.11 2.68 6.88
CA ASN A 107 4.41 3.22 7.29
C ASN A 107 4.84 4.37 6.37
N ASP A 108 5.62 5.30 6.91
CA ASP A 108 6.05 6.48 6.15
C ASP A 108 6.67 6.10 4.81
N VAL A 109 6.63 7.02 3.85
CA VAL A 109 7.04 6.75 2.48
C VAL A 109 8.42 6.10 2.42
N TYR A 110 9.34 6.56 3.26
CA TYR A 110 10.68 5.98 3.32
C TYR A 110 10.66 4.50 3.65
N GLU A 111 10.03 4.14 4.77
CA GLU A 111 9.97 2.76 5.21
C GLU A 111 9.12 1.90 4.28
N TRP A 112 8.06 2.51 3.73
CA TRP A 112 7.16 1.81 2.82
C TRP A 112 7.89 1.41 1.55
N ALA A 113 8.61 2.36 0.96
CA ALA A 113 9.39 2.11 -0.24
C ALA A 113 10.54 1.14 0.04
N ARG A 114 11.20 1.31 1.18
CA ARG A 114 12.32 0.45 1.55
C ARG A 114 11.91 -1.01 1.61
N ASP A 115 10.78 -1.26 2.27
CA ASP A 115 10.26 -2.62 2.37
C ASP A 115 9.83 -3.10 1.00
N HIS A 116 9.27 -2.19 0.21
CA HIS A 116 8.74 -2.56 -1.09
C HIS A 116 9.84 -2.83 -2.12
N ARG A 117 10.93 -2.08 -2.02
CA ARG A 117 12.08 -2.31 -2.91
C ARG A 117 12.71 -3.67 -2.61
N ALA A 118 12.51 -4.16 -1.40
CA ALA A 118 12.97 -5.50 -1.01
C ALA A 118 11.92 -6.53 -1.38
N HIS A 119 10.66 -6.12 -1.36
CA HIS A 119 9.56 -6.99 -1.76
C HIS A 119 9.70 -7.39 -3.23
N HIS A 120 10.22 -6.47 -4.04
CA HIS A 120 10.42 -6.75 -5.45
C HIS A 120 11.71 -7.55 -5.68
N LYS A 121 12.84 -6.99 -5.27
CA LYS A 121 14.13 -7.60 -5.57
C LYS A 121 14.34 -8.96 -4.91
N PHE A 122 13.79 -9.12 -3.72
CA PHE A 122 13.86 -10.39 -3.01
C PHE A 122 12.49 -11.02 -2.88
N SER A 123 11.70 -10.94 -3.94
CA SER A 123 10.33 -11.44 -3.90
C SER A 123 10.28 -12.92 -3.55
N GLU A 124 9.38 -13.26 -2.65
CA GLU A 124 9.12 -14.64 -2.26
C GLU A 124 10.32 -15.35 -1.66
N THR A 125 11.20 -14.61 -1.00
CA THR A 125 12.22 -15.22 -0.15
C THR A 125 11.99 -14.73 1.28
N HIS A 126 12.90 -15.08 2.17
CA HIS A 126 12.77 -14.65 3.56
C HIS A 126 13.19 -13.21 3.73
N ALA A 127 13.66 -12.60 2.64
CA ALA A 127 13.99 -11.18 2.64
C ALA A 127 12.79 -10.38 2.16
N ASP A 128 11.70 -11.08 1.90
CA ASP A 128 10.44 -10.47 1.50
C ASP A 128 9.54 -10.28 2.72
N PRO A 129 9.33 -9.02 3.14
CA PRO A 129 8.51 -8.64 4.29
C PRO A 129 7.14 -9.30 4.33
N HIS A 130 6.52 -9.48 3.17
CA HIS A 130 5.25 -10.19 3.12
C HIS A 130 5.35 -11.44 2.24
N ASN A 131 6.29 -12.32 2.61
CA ASN A 131 6.54 -13.56 1.86
C ASN A 131 5.29 -14.42 1.78
N SER A 132 4.81 -14.64 0.55
CA SER A 132 3.59 -15.40 0.31
C SER A 132 3.81 -16.89 0.53
N ARG A 133 5.06 -17.32 0.51
CA ARG A 133 5.39 -18.71 0.79
C ARG A 133 5.01 -19.09 2.21
N ARG A 134 5.01 -18.08 3.10
CA ARG A 134 4.65 -18.30 4.50
C ARG A 134 3.16 -18.63 4.63
N GLY A 135 2.37 -18.19 3.67
CA GLY A 135 0.94 -18.46 3.68
C GLY A 135 0.13 -17.22 3.35
N PHE A 136 -1.18 -17.32 3.47
CA PHE A 136 -2.03 -16.17 3.18
C PHE A 136 -2.07 -15.20 4.34
N PHE A 137 -2.41 -15.70 5.53
CA PHE A 137 -2.59 -14.85 6.69
C PHE A 137 -1.36 -14.01 6.97
N PHE A 138 -0.19 -14.63 6.84
CA PHE A 138 1.05 -13.91 7.04
C PHE A 138 1.16 -12.75 6.06
N SER A 139 0.93 -13.05 4.78
CA SER A 139 1.08 -12.06 3.72
C SER A 139 0.03 -10.96 3.79
N HIS A 140 -1.12 -11.27 4.39
CA HIS A 140 -2.20 -10.29 4.50
C HIS A 140 -1.93 -9.29 5.60
N VAL A 141 -1.87 -9.78 6.84
CA VAL A 141 -1.68 -8.91 8.00
C VAL A 141 -0.70 -9.55 8.98
N GLY A 142 -0.54 -10.87 8.90
CA GLY A 142 0.30 -11.61 9.83
C GLY A 142 1.72 -11.10 9.96
N TRP A 143 2.29 -10.61 8.86
CA TRP A 143 3.65 -10.09 8.86
C TRP A 143 3.75 -8.79 9.66
N LEU A 144 2.61 -8.17 9.91
CA LEU A 144 2.57 -6.93 10.69
C LEU A 144 2.37 -7.22 12.17
N LEU A 145 2.14 -8.49 12.48
CA LEU A 145 1.91 -8.90 13.86
C LEU A 145 3.11 -9.66 14.40
N VAL A 146 4.17 -9.75 13.60
CA VAL A 146 5.38 -10.46 14.00
C VAL A 146 6.65 -9.70 13.69
N ARG A 147 7.74 -10.06 14.36
CA ARG A 147 9.04 -9.47 14.08
C ARG A 147 9.48 -9.86 12.68
N LYS A 148 10.13 -8.94 11.98
CA LYS A 148 10.64 -9.23 10.65
C LYS A 148 11.70 -10.32 10.72
N HIS A 149 11.56 -11.34 9.88
CA HIS A 149 12.58 -12.38 9.73
C HIS A 149 13.90 -11.70 9.43
N PRO A 150 14.98 -12.16 10.11
CA PRO A 150 16.33 -11.59 10.03
C PRO A 150 16.79 -11.24 8.62
N ALA A 151 16.42 -12.05 7.64
CA ALA A 151 16.86 -11.87 6.26
C ALA A 151 16.35 -10.57 5.63
N VAL A 152 15.24 -10.05 6.16
CA VAL A 152 14.62 -8.85 5.61
C VAL A 152 15.54 -7.65 5.68
N LYS A 153 16.15 -7.41 6.83
CA LYS A 153 17.10 -6.31 6.95
C LYS A 153 18.54 -6.80 6.74
N GLU A 154 18.69 -8.11 6.63
CA GLU A 154 19.99 -8.69 6.33
C GLU A 154 20.31 -8.56 4.85
N LYS A 155 19.30 -8.79 4.01
CA LYS A 155 19.46 -8.65 2.57
C LYS A 155 18.90 -7.31 2.11
N GLY A 156 17.93 -6.78 2.84
CA GLY A 156 17.30 -5.52 2.47
C GLY A 156 18.15 -4.32 2.77
N SER A 157 19.26 -4.53 3.45
CA SER A 157 20.21 -3.45 3.71
C SER A 157 21.05 -3.17 2.47
N THR A 158 20.85 -3.99 1.44
CA THR A 158 21.54 -3.83 0.17
C THR A 158 21.01 -2.64 -0.60
N LEU A 159 19.68 -2.54 -0.66
CA LEU A 159 18.97 -1.58 -1.51
C LEU A 159 19.51 -0.16 -1.49
N ASP A 160 19.45 0.50 -2.64
CA ASP A 160 19.82 1.90 -2.76
C ASP A 160 18.63 2.78 -2.43
N LEU A 161 18.68 3.46 -1.30
CA LEU A 161 17.58 4.31 -0.87
C LEU A 161 17.96 5.78 -0.98
N SER A 162 19.06 6.04 -1.69
CA SER A 162 19.60 7.38 -1.82
C SER A 162 18.61 8.37 -2.44
N ASP A 163 17.85 7.90 -3.43
CA ASP A 163 16.88 8.74 -4.13
C ASP A 163 15.82 9.27 -3.17
N LEU A 164 15.50 8.49 -2.14
CA LEU A 164 14.51 8.87 -1.15
C LEU A 164 15.13 9.75 -0.08
N GLU A 165 16.29 9.33 0.44
CA GLU A 165 17.00 10.08 1.47
C GLU A 165 17.32 11.49 1.01
N ALA A 166 17.62 11.64 -0.27
CA ALA A 166 17.97 12.95 -0.81
C ALA A 166 16.73 13.81 -1.01
N GLU A 167 15.57 13.19 -1.15
CA GLU A 167 14.33 13.94 -1.30
C GLU A 167 13.90 14.50 0.05
N LYS A 168 13.90 15.82 0.16
CA LYS A 168 13.61 16.49 1.43
C LYS A 168 12.21 16.16 1.95
N LEU A 169 11.21 16.31 1.09
CA LEU A 169 9.81 16.09 1.46
C LEU A 169 9.59 14.70 2.07
N VAL A 170 10.24 13.69 1.50
CA VAL A 170 10.08 12.32 1.96
C VAL A 170 10.58 12.16 3.40
N MET A 171 11.80 12.62 3.64
CA MET A 171 12.41 12.54 4.97
C MET A 171 11.66 13.39 5.98
N PHE A 172 11.01 14.45 5.48
CA PHE A 172 10.30 15.38 6.33
C PHE A 172 9.11 14.71 7.03
N GLN A 173 8.27 14.04 6.26
CA GLN A 173 7.12 13.36 6.83
C GLN A 173 7.60 12.20 7.71
N ARG A 174 8.80 11.70 7.45
CA ARG A 174 9.36 10.63 8.25
C ARG A 174 9.58 11.09 9.68
N ARG A 175 10.03 12.33 9.82
CA ARG A 175 10.27 12.93 11.13
C ARG A 175 8.96 13.24 11.85
N TYR A 176 8.11 14.02 11.20
CA TYR A 176 6.86 14.46 11.79
C TYR A 176 5.70 13.53 11.43
N TYR A 177 5.93 12.23 11.54
CA TYR A 177 4.95 11.25 11.13
C TYR A 177 3.87 11.02 12.18
N LYS A 178 4.30 10.75 13.41
CA LYS A 178 3.36 10.51 14.51
C LYS A 178 2.37 11.68 14.71
N PRO A 179 2.85 12.94 14.66
CA PRO A 179 1.84 14.00 14.72
C PRO A 179 0.98 14.02 13.45
N GLY A 180 1.64 13.95 12.31
CA GLY A 180 0.96 14.03 11.03
C GLY A 180 -0.09 12.96 10.79
N LEU A 181 0.22 11.73 11.19
CA LEU A 181 -0.71 10.64 10.97
C LEU A 181 -1.88 10.72 11.95
N LEU A 182 -1.59 11.15 13.18
CA LEU A 182 -2.64 11.34 14.19
C LEU A 182 -3.70 12.31 13.67
N MET A 183 -3.23 13.42 13.12
CA MET A 183 -4.13 14.42 12.57
C MET A 183 -4.89 13.89 11.35
N MET A 184 -4.12 13.47 10.34
CA MET A 184 -4.67 13.14 9.02
C MET A 184 -5.50 11.87 8.98
N CYS A 185 -5.26 10.95 9.91
CA CYS A 185 -5.91 9.66 9.83
C CYS A 185 -6.95 9.43 10.92
N PHE A 186 -6.94 10.26 11.96
CA PHE A 186 -7.82 10.03 13.10
C PHE A 186 -8.61 11.28 13.52
N ILE A 187 -7.90 12.29 14.00
CA ILE A 187 -8.55 13.49 14.53
C ILE A 187 -9.35 14.20 13.44
N LEU A 188 -8.66 14.64 12.39
CA LEU A 188 -9.30 15.40 11.32
C LEU A 188 -10.47 14.68 10.62
N PRO A 189 -10.30 13.38 10.27
CA PRO A 189 -11.43 12.75 9.59
C PRO A 189 -12.63 12.44 10.51
N THR A 190 -12.46 12.61 11.81
CA THR A 190 -13.55 12.42 12.77
C THR A 190 -14.28 13.72 13.04
N LEU A 191 -13.52 14.81 13.08
CA LEU A 191 -14.09 16.09 13.46
C LEU A 191 -15.04 16.64 12.40
N VAL A 192 -14.60 16.65 11.15
CA VAL A 192 -15.36 17.33 10.11
C VAL A 192 -16.70 16.67 9.73
N PRO A 193 -16.91 15.37 10.05
CA PRO A 193 -18.32 15.03 9.88
C PRO A 193 -19.14 15.45 11.09
N TRP A 194 -18.56 15.25 12.27
CA TRP A 194 -19.22 15.52 13.53
C TRP A 194 -19.54 17.01 13.72
N TYR A 195 -18.79 17.87 13.02
CA TYR A 195 -18.91 19.31 13.20
C TYR A 195 -19.56 20.04 12.02
N PHE A 196 -19.35 19.55 10.79
CA PHE A 196 -19.85 20.27 9.62
C PHE A 196 -21.28 19.89 9.21
N TRP A 197 -21.54 18.60 9.01
CA TRP A 197 -22.91 18.17 8.72
C TRP A 197 -23.54 17.43 9.89
N GLY A 198 -23.30 17.94 11.10
CA GLY A 198 -23.92 17.46 12.33
C GLY A 198 -23.99 15.95 12.56
N GLU A 199 -22.94 15.24 12.18
CA GLU A 199 -22.92 13.80 12.39
C GLU A 199 -22.73 13.53 13.89
N THR A 200 -23.29 12.42 14.37
CA THR A 200 -23.03 12.00 15.74
C THR A 200 -21.56 11.66 15.87
N PHE A 201 -21.01 11.89 17.05
CA PHE A 201 -19.60 11.60 17.29
C PHE A 201 -19.33 10.11 17.13
N GLN A 202 -20.31 9.29 17.47
CA GLN A 202 -20.15 7.84 17.42
C GLN A 202 -20.00 7.31 15.99
N ASN A 203 -20.87 7.77 15.10
CA ASN A 203 -20.77 7.41 13.70
C ASN A 203 -19.57 8.09 13.05
N SER A 204 -19.25 9.29 13.55
CA SER A 204 -18.11 10.04 13.04
C SER A 204 -16.80 9.35 13.36
N VAL A 205 -16.82 8.42 14.33
CA VAL A 205 -15.61 7.71 14.73
C VAL A 205 -15.53 6.31 14.09
N PHE A 206 -16.57 5.51 14.29
CA PHE A 206 -16.55 4.11 13.86
C PHE A 206 -16.76 3.92 12.36
N VAL A 207 -17.11 4.99 11.67
CA VAL A 207 -17.33 4.91 10.23
C VAL A 207 -16.38 5.82 9.46
N ALA A 208 -16.40 7.10 9.79
CA ALA A 208 -15.59 8.09 9.08
C ALA A 208 -14.08 7.85 9.22
N THR A 209 -13.68 7.12 10.27
CA THR A 209 -12.27 6.82 10.47
C THR A 209 -12.00 5.32 10.63
N PHE A 210 -12.65 4.69 11.60
CA PHE A 210 -12.47 3.27 11.88
C PHE A 210 -12.71 2.38 10.68
N LEU A 211 -13.85 2.60 10.01
CA LEU A 211 -14.26 1.76 8.90
C LEU A 211 -13.42 1.99 7.66
N ARG A 212 -13.27 3.24 7.26
CA ARG A 212 -12.58 3.53 6.01
C ARG A 212 -11.10 3.20 6.10
N TYR A 213 -10.49 3.41 7.27
CA TYR A 213 -9.06 3.12 7.41
C TYR A 213 -8.80 1.62 7.33
N ALA A 214 -9.70 0.83 7.92
CA ALA A 214 -9.57 -0.62 7.87
C ALA A 214 -9.79 -1.11 6.44
N VAL A 215 -10.70 -0.44 5.73
CA VAL A 215 -10.98 -0.75 4.34
C VAL A 215 -9.74 -0.52 3.49
N VAL A 216 -9.12 0.65 3.64
CA VAL A 216 -7.91 0.97 2.88
C VAL A 216 -6.82 -0.05 3.20
N LEU A 217 -6.71 -0.45 4.46
CA LEU A 217 -5.67 -1.41 4.85
C LEU A 217 -5.78 -2.73 4.11
N ASN A 218 -6.91 -3.42 4.27
CA ASN A 218 -7.10 -4.71 3.63
C ASN A 218 -7.08 -4.64 2.10
N ALA A 219 -7.65 -3.58 1.57
CA ALA A 219 -7.67 -3.36 0.13
C ALA A 219 -6.26 -3.42 -0.45
N THR A 220 -5.29 -2.90 0.30
CA THR A 220 -3.90 -2.99 -0.13
C THR A 220 -3.29 -4.32 0.30
N TRP A 221 -3.79 -4.90 1.39
CA TRP A 221 -3.23 -6.15 1.88
C TRP A 221 -3.53 -7.28 0.91
N LEU A 222 -4.66 -7.16 0.22
CA LEU A 222 -5.04 -8.12 -0.82
C LEU A 222 -4.04 -8.10 -1.96
N VAL A 223 -3.34 -6.99 -2.15
CA VAL A 223 -2.32 -6.92 -3.18
C VAL A 223 -1.11 -7.79 -2.84
N ASN A 224 -0.89 -8.08 -1.56
CA ASN A 224 0.18 -8.97 -1.13
C ASN A 224 -0.31 -10.39 -0.89
N SER A 225 -1.49 -10.49 -0.32
CA SER A 225 -2.05 -11.77 0.08
C SER A 225 -2.80 -12.40 -1.06
N ALA A 226 -3.99 -11.86 -1.32
CA ALA A 226 -4.87 -12.39 -2.36
C ALA A 226 -4.20 -12.37 -3.74
N ALA A 227 -3.46 -11.31 -4.03
CA ALA A 227 -2.91 -11.13 -5.38
C ALA A 227 -1.74 -12.07 -5.69
N HIS A 228 -1.18 -12.70 -4.66
CA HIS A 228 -0.02 -13.58 -4.84
C HIS A 228 -0.41 -15.05 -4.88
N LEU A 229 -1.69 -15.33 -4.69
CA LEU A 229 -2.17 -16.72 -4.68
C LEU A 229 -3.28 -16.94 -5.71
N PHE A 230 -4.07 -15.91 -5.98
CA PHE A 230 -5.24 -16.04 -6.85
C PHE A 230 -5.20 -15.09 -8.05
N GLY A 231 -5.48 -15.64 -9.23
CA GLY A 231 -5.49 -14.87 -10.47
C GLY A 231 -4.92 -15.67 -11.63
N TYR A 232 -4.36 -14.98 -12.61
CA TYR A 232 -3.76 -15.63 -13.77
C TYR A 232 -2.43 -14.97 -14.18
N ARG A 233 -1.56 -15.74 -14.82
CA ARG A 233 -0.22 -15.25 -15.17
C ARG A 233 0.11 -15.37 -16.66
N PRO A 234 -0.31 -14.39 -17.46
CA PRO A 234 0.00 -14.42 -18.89
C PRO A 234 1.30 -13.69 -19.22
N TYR A 235 2.05 -13.29 -18.20
CA TYR A 235 3.29 -12.55 -18.41
C TYR A 235 4.50 -13.32 -17.88
N ASP A 236 4.33 -13.97 -16.73
CA ASP A 236 5.39 -14.79 -16.14
C ASP A 236 4.79 -15.90 -15.28
N LYS A 237 4.96 -17.14 -15.72
CA LYS A 237 4.39 -18.29 -15.02
C LYS A 237 5.18 -18.67 -13.77
N ASN A 238 6.50 -18.49 -13.84
CA ASN A 238 7.38 -18.98 -12.78
C ASN A 238 7.30 -18.18 -11.49
N ILE A 239 7.13 -16.87 -11.60
CA ILE A 239 6.93 -16.07 -10.40
C ILE A 239 5.49 -16.28 -9.93
N SER A 240 5.12 -15.62 -8.83
CA SER A 240 3.86 -15.90 -8.15
C SER A 240 2.79 -14.80 -8.20
N PRO A 241 3.19 -13.51 -8.28
CA PRO A 241 2.09 -12.53 -8.33
C PRO A 241 1.16 -12.76 -9.51
N ARG A 242 -0.13 -12.50 -9.30
CA ARG A 242 -1.14 -12.79 -10.30
C ARG A 242 -1.83 -11.53 -10.78
N GLU A 243 -2.36 -11.59 -12.00
CA GLU A 243 -3.22 -10.55 -12.51
C GLU A 243 -4.61 -10.76 -11.94
N ASN A 244 -5.01 -9.92 -10.99
CA ASN A 244 -6.32 -10.07 -10.35
C ASN A 244 -7.20 -8.84 -10.54
N ILE A 245 -8.34 -9.04 -11.19
CA ILE A 245 -9.25 -7.95 -11.52
C ILE A 245 -9.84 -7.30 -10.27
N LEU A 246 -10.28 -8.15 -9.34
CA LEU A 246 -10.88 -7.67 -8.10
C LEU A 246 -9.90 -6.83 -7.31
N VAL A 247 -8.69 -7.34 -7.12
CA VAL A 247 -7.66 -6.61 -6.41
C VAL A 247 -7.39 -5.28 -7.10
N SER A 248 -7.34 -5.29 -8.44
CA SER A 248 -7.19 -4.07 -9.23
C SER A 248 -8.36 -3.13 -8.96
N LEU A 249 -9.50 -3.70 -8.61
CA LEU A 249 -10.70 -2.91 -8.34
C LEU A 249 -10.78 -2.58 -6.86
N GLY A 250 -10.33 -3.51 -6.02
CA GLY A 250 -10.18 -3.27 -4.59
C GLY A 250 -9.17 -2.17 -4.37
N ALA A 251 -7.91 -2.42 -4.72
CA ALA A 251 -6.92 -1.36 -4.82
C ALA A 251 -7.40 -0.40 -5.91
N VAL A 252 -6.70 0.71 -6.10
CA VAL A 252 -7.22 1.70 -7.01
C VAL A 252 -6.63 1.50 -8.41
N GLY A 253 -5.91 0.40 -8.58
CA GLY A 253 -5.38 0.02 -9.88
C GLY A 253 -4.28 -1.01 -9.77
N GLU A 254 -3.75 -1.19 -8.56
CA GLU A 254 -2.62 -2.08 -8.33
C GLU A 254 -3.07 -3.51 -8.05
N GLY A 255 -3.49 -4.22 -9.10
CA GLY A 255 -3.89 -5.61 -8.96
C GLY A 255 -3.33 -6.44 -10.09
N PHE A 256 -2.85 -5.77 -11.12
CA PHE A 256 -2.16 -6.45 -12.21
C PHE A 256 -0.72 -6.70 -11.76
N HIS A 257 -0.57 -7.61 -10.81
CA HIS A 257 0.69 -7.77 -10.09
C HIS A 257 1.68 -8.66 -10.82
N ASN A 258 1.17 -9.58 -11.64
CA ASN A 258 2.05 -10.41 -12.45
C ASN A 258 2.77 -9.54 -13.47
N TYR A 259 2.07 -8.51 -13.95
CA TYR A 259 2.66 -7.54 -14.86
C TYR A 259 3.65 -6.66 -14.12
N HIS A 260 3.24 -6.14 -12.96
CA HIS A 260 4.03 -5.12 -12.28
C HIS A 260 5.33 -5.67 -11.70
N HIS A 261 5.32 -6.90 -11.19
CA HIS A 261 6.55 -7.51 -10.69
C HIS A 261 7.49 -7.80 -11.85
N SER A 262 6.93 -7.95 -13.05
CA SER A 262 7.70 -8.16 -14.26
C SER A 262 8.17 -6.82 -14.85
N PHE A 263 7.37 -5.78 -14.67
CA PHE A 263 7.71 -4.43 -15.16
C PHE A 263 7.40 -3.36 -14.10
N PRO A 264 8.24 -3.26 -13.06
CA PRO A 264 7.99 -2.39 -11.92
C PRO A 264 8.11 -0.89 -12.23
N TYR A 265 8.84 -0.55 -13.28
CA TYR A 265 9.06 0.84 -13.65
C TYR A 265 7.94 1.41 -14.52
N ASP A 266 6.97 0.56 -14.83
CA ASP A 266 5.80 0.99 -15.59
C ASP A 266 5.04 2.02 -14.77
N TYR A 267 4.65 3.13 -15.39
CA TYR A 267 4.01 4.19 -14.63
C TYR A 267 2.55 3.83 -14.37
N SER A 268 2.05 2.87 -15.14
CA SER A 268 0.84 2.14 -14.78
C SER A 268 1.29 0.84 -14.13
N ALA A 269 0.37 0.12 -13.49
CA ALA A 269 0.72 -1.18 -12.93
C ALA A 269 0.23 -2.30 -13.83
N SER A 270 0.02 -1.96 -15.11
CA SER A 270 -0.62 -2.87 -16.03
C SER A 270 -0.16 -2.68 -17.48
N GLU A 271 -0.51 -3.66 -18.31
CA GLU A 271 -0.27 -3.55 -19.75
C GLU A 271 -1.13 -2.43 -20.32
N TYR A 272 -2.40 -2.42 -19.92
CA TYR A 272 -3.35 -1.45 -20.44
C TYR A 272 -3.56 -0.28 -19.49
N ARG A 273 -3.40 0.94 -20.01
CA ARG A 273 -3.71 2.14 -19.25
C ARG A 273 -5.23 2.28 -19.08
N TRP A 274 -5.62 2.83 -17.94
CA TRP A 274 -7.02 3.21 -17.65
C TRP A 274 -8.00 2.04 -17.57
N HIS A 275 -7.55 0.83 -17.86
CA HIS A 275 -8.45 -0.32 -17.90
C HIS A 275 -9.25 -0.44 -16.61
N ILE A 276 -8.56 -0.69 -15.51
CA ILE A 276 -9.17 -0.69 -14.19
C ILE A 276 -8.19 0.10 -13.30
N ASN A 277 -7.23 0.72 -13.97
CA ASN A 277 -6.27 1.61 -13.33
C ASN A 277 -6.83 3.01 -13.14
N PHE A 278 -7.49 3.25 -12.01
CA PHE A 278 -8.00 4.58 -11.71
C PHE A 278 -6.86 5.56 -11.54
N THR A 279 -5.70 5.05 -11.13
CA THR A 279 -4.54 5.89 -10.89
C THR A 279 -3.90 6.35 -12.18
N THR A 280 -3.73 5.45 -13.13
CA THR A 280 -3.17 5.80 -14.42
C THR A 280 -4.00 6.94 -15.00
N PHE A 281 -5.33 6.80 -14.92
CA PHE A 281 -6.23 7.89 -15.30
C PHE A 281 -5.91 9.15 -14.51
N PHE A 282 -5.76 9.02 -13.20
CA PHE A 282 -5.41 10.15 -12.34
C PHE A 282 -4.07 10.74 -12.75
N ILE A 283 -3.05 9.88 -12.85
CA ILE A 283 -1.70 10.31 -13.23
C ILE A 283 -1.70 10.98 -14.59
N ASP A 284 -2.51 10.46 -15.51
CA ASP A 284 -2.61 11.05 -16.84
C ASP A 284 -3.29 12.41 -16.77
N CYS A 285 -4.26 12.55 -15.89
CA CYS A 285 -4.89 13.84 -15.64
C CYS A 285 -3.84 14.81 -15.11
N MET A 286 -3.05 14.33 -14.15
CA MET A 286 -1.97 15.15 -13.59
C MET A 286 -0.94 15.53 -14.65
N ALA A 287 -0.72 14.65 -15.62
CA ALA A 287 0.22 14.91 -16.69
C ALA A 287 -0.29 16.00 -17.62
N ALA A 288 -1.57 15.91 -17.96
CA ALA A 288 -2.22 16.89 -18.84
C ALA A 288 -2.28 18.27 -18.18
N LEU A 289 -2.25 18.28 -16.84
CA LEU A 289 -2.23 19.52 -16.09
C LEU A 289 -0.79 20.03 -15.96
N GLY A 290 0.17 19.16 -16.26
CA GLY A 290 1.57 19.53 -16.25
C GLY A 290 2.20 19.36 -14.88
N LEU A 291 1.77 18.32 -14.18
CA LEU A 291 2.23 18.07 -12.82
C LEU A 291 2.98 16.74 -12.70
N ALA A 292 2.77 15.87 -13.68
CA ALA A 292 3.57 14.65 -13.84
C ALA A 292 4.13 14.62 -15.25
N TYR A 293 5.40 14.23 -15.43
CA TYR A 293 5.99 14.36 -16.76
C TYR A 293 6.83 13.20 -17.32
N ASP A 294 7.57 12.49 -16.49
CA ASP A 294 8.45 11.43 -17.01
C ASP A 294 7.87 10.04 -16.85
N ARG A 295 6.76 9.77 -17.52
CA ARG A 295 6.11 8.48 -17.43
C ARG A 295 6.86 7.41 -18.22
N LYS A 296 7.25 6.33 -17.55
CA LYS A 296 7.78 5.18 -18.27
C LYS A 296 6.60 4.35 -18.74
N LYS A 297 6.49 4.13 -20.04
CA LYS A 297 5.54 3.15 -20.53
C LYS A 297 6.32 2.10 -21.29
N VAL A 298 6.15 0.85 -20.88
CA VAL A 298 6.92 -0.22 -21.49
C VAL A 298 6.36 -0.51 -22.87
N SER A 299 7.26 -0.59 -23.84
CA SER A 299 6.90 -0.92 -25.22
C SER A 299 6.11 -2.20 -25.26
N LYS A 300 5.11 -2.24 -26.13
CA LYS A 300 4.36 -3.48 -26.34
C LYS A 300 5.32 -4.52 -26.88
N ALA A 301 6.44 -4.06 -27.40
CA ALA A 301 7.53 -4.91 -27.83
C ALA A 301 8.01 -5.81 -26.70
N ALA A 302 8.44 -5.19 -25.61
CA ALA A 302 8.93 -5.92 -24.44
C ALA A 302 7.82 -6.76 -23.81
N ILE A 303 6.59 -6.26 -23.83
CA ILE A 303 5.46 -7.00 -23.26
C ILE A 303 5.12 -8.22 -24.14
N LEU A 304 5.25 -8.06 -25.45
CA LEU A 304 5.05 -9.18 -26.39
C LEU A 304 6.26 -10.10 -26.37
N ALA A 305 7.45 -9.51 -26.30
CA ALA A 305 8.67 -10.29 -26.17
C ALA A 305 8.66 -11.09 -24.87
N ARG A 306 7.78 -10.71 -23.94
CA ARG A 306 7.59 -11.51 -22.74
C ARG A 306 6.20 -12.15 -22.66
N ILE A 307 5.91 -13.05 -23.59
CA ILE A 307 4.92 -14.09 -23.33
C ILE A 307 5.79 -15.27 -22.88
N LYS A 308 7.10 -15.07 -23.07
CA LYS A 308 8.14 -16.05 -22.72
C LYS A 308 8.08 -16.51 -21.26
N ARG A 309 7.50 -15.67 -20.40
CA ARG A 309 7.29 -16.00 -18.99
C ARG A 309 8.59 -16.30 -18.25
ZN ZN B . 5.76 -2.35 -6.84
ZN ZN C . 3.96 -8.56 -4.62
C1 ST9 D . 0.97 -1.34 6.24
C2 ST9 D . 1.76 -1.19 4.92
O2 ST9 D . 0.10 -2.20 6.30
C3 ST9 D . 1.58 -2.47 4.09
C4 ST9 D . 1.24 -2.11 2.61
C5 ST9 D . 2.39 -2.57 1.71
C6 ST9 D . 1.84 -2.98 0.36
C7 ST9 D . 2.90 -3.81 -0.36
C8 ST9 D . 3.17 -3.21 -1.75
C9 ST9 D . 2.30 -3.94 -2.79
C10 ST9 D . 2.47 -3.25 -4.17
C11 ST9 D . 1.13 -2.50 -4.59
C12 ST9 D . 0.61 -1.52 -3.45
C13 ST9 D . -0.89 -1.18 -3.75
C14 ST9 D . -1.52 -0.28 -2.68
C15 ST9 D . -3.03 -0.24 -3.01
C16 ST9 D . -3.63 1.11 -2.56
C17 ST9 D . -5.14 1.14 -2.85
C18 ST9 D . -5.88 1.48 -1.53
N1A ST9 D . 15.17 -3.09 4.72
O1A ST9 D . 10.54 -3.04 11.11
P1A ST9 D . 11.30 -2.57 12.35
C1B ST9 D . 15.99 -1.98 9.40
S1P ST9 D . 1.31 -0.29 7.63
C2A ST9 D . 16.25 -2.55 5.36
O2A ST9 D . 10.41 -1.68 13.17
P2A ST9 D . 10.87 -5.16 13.51
C2B ST9 D . 15.79 -0.73 9.61
O2B ST9 D . 17.01 -0.01 9.67
C2P ST9 D . -0.21 0.17 8.50
N3A ST9 D . 16.22 -2.34 6.71
O3A ST9 D . 11.75 -3.84 13.25
C3B ST9 D . 14.88 -0.66 11.07
O3B ST9 D . 15.09 0.59 11.84
P3B ST9 D . 14.25 1.87 11.50
C3P ST9 D . 0.12 0.47 9.99
C4A ST9 D . 15.11 -2.67 7.42
O4A ST9 D . 10.70 -5.31 15.02
C4B ST9 D . 15.21 -1.62 11.75
O4B ST9 D . 16.13 -2.58 10.79
N4P ST9 D . 0.61 -0.72 10.65
C5A ST9 D . 14.04 -3.21 6.78
O5A ST9 D . 11.58 -6.40 12.96
C5B ST9 D . 13.97 -2.44 12.23
O5B ST9 D . 12.68 -1.79 11.88
C5P ST9 D . 1.93 -0.69 11.23
O5P ST9 D . 2.61 0.33 11.15
C6A ST9 D . 14.07 -3.42 5.42
N6A ST9 D . 13.10 -3.97 4.50
O6A ST9 D . 9.42 -5.01 12.78
C6P ST9 D . 2.50 -1.94 11.94
N7A ST9 D . 13.07 -3.45 7.73
O7A ST9 D . 13.19 2.16 12.52
C7P ST9 D . 3.81 -1.50 12.67
C8A ST9 D . 13.54 -3.06 8.92
O8A ST9 D . 15.21 3.04 11.43
N8P ST9 D . 5.00 -2.27 12.17
N9A ST9 D . 14.81 -2.58 8.74
O9A ST9 D . 13.59 1.67 10.14
C9P ST9 D . 5.92 -2.92 13.18
O9P ST9 D . 5.68 -2.77 14.38
CAP ST9 D . 7.16 -3.74 12.70
OAP ST9 D . 7.46 -3.36 11.39
CBP ST9 D . 6.98 -5.26 12.77
CCP ST9 D . 8.35 -5.88 13.24
CDP ST9 D . 6.62 -5.82 11.36
CEP ST9 D . 5.85 -5.70 13.78
C1B LMT E . 18.64 -18.02 6.22
C2B LMT E . 18.75 -17.12 7.49
C3B LMT E . 19.08 -15.65 7.11
C4B LMT E . 20.00 -15.64 5.86
C5B LMT E . 19.22 -16.30 4.69
C6B LMT E . 20.21 -16.88 3.69
O1B LMT E . 17.68 -19.00 6.48
O2B LMT E . 17.55 -17.21 8.14
O3B LMT E . 19.59 -14.93 8.16
O4' LMT E . 20.36 -14.36 5.52
O5B LMT E . 18.28 -17.27 5.10
O6B LMT E . 19.60 -17.86 2.94
C1' LMT E . 17.56 -22.75 8.16
C2' LMT E . 18.96 -22.11 8.26
C3' LMT E . 18.91 -20.60 7.86
C4' LMT E . 18.06 -20.37 6.57
C5' LMT E . 16.76 -21.19 6.75
C6' LMT E . 15.71 -20.97 5.68
O1' LMT E . 17.62 -24.11 8.37
O2' LMT E . 19.41 -22.22 9.57
O3' LMT E . 20.16 -20.08 7.70
O5' LMT E . 17.06 -22.55 6.87
O6' LMT E . 15.84 -19.67 5.26
#